data_9N4U
#
_entry.id   9N4U
#
_cell.length_a   62.386
_cell.length_b   80.728
_cell.length_c   65.893
_cell.angle_alpha   90.00
_cell.angle_beta   106.92
_cell.angle_gamma   90.00
#
_symmetry.space_group_name_H-M   'P 1 21 1'
#
loop_
_entity.id
_entity.type
_entity.pdbx_description
1 polymer 'Glutathione S-transferase class-mu 26 kDa isozyme,Serine/threonine-protein kinase PAK 1'
2 non-polymer (3M)-3-[(4P)-2-chloro-4-(6-methylpyridin-2-yl)phenyl]-1-{2-[2-(dimethylamino)ethoxy]ethyl}-1,6-naphthyridin-2(1H)-one
3 water water
#
_entity_poly.entity_id   1
_entity_poly.type   'polypeptide(L)'
_entity_poly.pdbx_seq_one_letter_code
;MHHHHHHHHGSPILGYWKIKGLVQPTRLLLEYLEEKYEEHLYERDEGDKWRNKKFELGLEFPNLPYYIDGDVKLTQSMAI
IRYIADKHNMLGGCPKERAEISMLEGAVLDIRYGVSRIAYSKDFETLKVDFLSKLPEMLKMFKDRLCHKTYLNGDHVTHP
DFMLYDALDVVLYMDPMCLDAFPKLVCFKKRIEAIPQIDKYLKSSKYIAWPLQGWQATFGGGDHPPKSDGENLYFQGSDE
EILEKLRSIVSVGDPKKKYTRFEKIGQGASGTVYTAMDVATGQEVAIKQMNLQQQPKKELIINEILVMRENKNPNIVNYL
DSYLVGDELWVVMEYLAGGSLTDVVTETCMDEGQIAAVCRECLQALEFLHSNQVIHRNIKSDNILLGMDGSVKLTDFGFC
AQITPEQSKRSEMVGTPYWMAPEVVTRKAYGPKVDIWSLGIMAIEMIEGEPPYLNENPLRALYLIATNGTPELQNPEKLS
AIFRDFLNRCLEMDVEKRGSAKELLQHQFLKIAKPLSSLTPLIAAAKEATKNNHGNS
;
_entity_poly.pdbx_strand_id   A,B
#
# COMPACT_ATOMS: atom_id res chain seq x y z
N SER A 238 -3.62 -21.24 -10.19
CA SER A 238 -4.49 -20.40 -9.37
C SER A 238 -3.82 -19.05 -9.08
N ASP A 239 -2.99 -19.03 -8.04
CA ASP A 239 -2.04 -17.95 -7.82
C ASP A 239 -0.61 -18.36 -8.12
N GLU A 240 -0.34 -19.66 -8.23
CA GLU A 240 0.96 -20.11 -8.71
C GLU A 240 1.10 -19.89 -10.20
N GLU A 241 -0.02 -19.90 -10.94
CA GLU A 241 0.07 -19.70 -12.38
C GLU A 241 -0.02 -18.24 -12.79
N ILE A 242 -0.55 -17.36 -11.94
CA ILE A 242 -0.35 -15.95 -12.20
C ILE A 242 1.13 -15.58 -11.99
N LEU A 243 1.78 -16.20 -11.00
CA LEU A 243 3.22 -16.00 -10.84
C LEU A 243 3.99 -16.51 -12.05
N GLU A 244 3.65 -17.72 -12.52
CA GLU A 244 4.34 -18.26 -13.69
C GLU A 244 4.07 -17.42 -14.91
N LYS A 245 2.87 -16.87 -15.04
CA LYS A 245 2.58 -15.94 -16.12
C LYS A 245 3.49 -14.72 -16.06
N LEU A 246 3.68 -14.14 -14.87
CA LEU A 246 4.61 -13.02 -14.73
C LEU A 246 6.04 -13.45 -15.09
N ARG A 247 6.48 -14.57 -14.56
CA ARG A 247 7.84 -15.01 -14.88
C ARG A 247 8.03 -15.19 -16.39
N SER A 248 7.00 -15.66 -17.10
CA SER A 248 7.19 -16.00 -18.51
C SER A 248 7.43 -14.75 -19.36
N ILE A 249 6.92 -13.59 -18.93
CA ILE A 249 7.07 -12.41 -19.77
C ILE A 249 8.40 -11.72 -19.57
N VAL A 250 9.24 -12.23 -18.67
CA VAL A 250 10.48 -11.58 -18.29
C VAL A 250 11.63 -12.55 -18.62
N SER A 251 12.67 -12.05 -19.29
CA SER A 251 13.82 -12.88 -19.60
C SER A 251 14.68 -13.10 -18.35
N VAL A 252 15.34 -14.28 -18.30
CA VAL A 252 16.25 -14.59 -17.21
C VAL A 252 17.65 -14.18 -17.63
N GLY A 253 18.35 -13.51 -16.73
CA GLY A 253 19.66 -12.99 -17.03
C GLY A 253 20.17 -12.19 -15.85
N ASP A 254 21.39 -11.70 -16.01
CA ASP A 254 22.10 -10.99 -14.95
C ASP A 254 22.12 -9.51 -15.28
N PRO A 255 21.51 -8.64 -14.47
CA PRO A 255 21.53 -7.20 -14.79
C PRO A 255 22.94 -6.62 -14.77
N LYS A 256 23.88 -7.25 -14.05
CA LYS A 256 25.25 -6.75 -14.03
C LYS A 256 25.99 -6.99 -15.34
N LYS A 257 25.44 -7.85 -16.20
CA LYS A 257 26.03 -8.05 -17.53
C LYS A 257 25.96 -6.77 -18.35
N LYS A 258 25.00 -5.90 -18.06
CA LYS A 258 24.74 -4.72 -18.86
C LYS A 258 24.87 -3.42 -18.09
N TYR A 259 24.64 -3.42 -16.78
CA TYR A 259 24.60 -2.20 -15.98
C TYR A 259 25.54 -2.28 -14.79
N THR A 260 26.12 -1.14 -14.44
CA THR A 260 27.01 -1.00 -13.28
C THR A 260 26.61 0.22 -12.46
N ARG A 261 27.40 0.48 -11.42
CA ARG A 261 27.25 1.64 -10.55
C ARG A 261 25.83 1.74 -9.99
N PHE A 262 25.42 0.70 -9.26
CA PHE A 262 24.12 0.65 -8.61
C PHE A 262 24.15 1.50 -7.34
N GLU A 263 23.40 2.61 -7.33
CA GLU A 263 23.30 3.48 -6.16
C GLU A 263 21.85 3.52 -5.72
N LYS A 264 21.59 3.17 -4.46
CA LYS A 264 20.22 3.22 -3.95
C LYS A 264 19.73 4.66 -3.89
N ILE A 265 18.50 4.89 -4.37
CA ILE A 265 17.85 6.18 -4.26
C ILE A 265 16.49 6.10 -3.60
N GLY A 266 16.03 4.93 -3.19
CA GLY A 266 14.72 4.82 -2.58
C GLY A 266 14.42 3.38 -2.24
N GLN A 267 13.54 3.23 -1.25
CA GLN A 267 13.08 1.92 -0.79
C GLN A 267 11.61 2.06 -0.43
N GLY A 268 10.82 1.07 -0.79
CA GLY A 268 9.40 1.16 -0.56
C GLY A 268 8.72 -0.19 -0.58
N ALA A 269 7.38 -0.14 -0.71
CA ALA A 269 6.59 -1.36 -0.77
C ALA A 269 6.66 -2.01 -2.14
N SER A 270 6.69 -1.19 -3.19
CA SER A 270 6.87 -1.70 -4.53
C SER A 270 8.28 -2.24 -4.78
N GLY A 271 9.17 -2.35 -3.80
CA GLY A 271 10.54 -2.77 -4.02
C GLY A 271 11.54 -1.66 -3.74
N THR A 272 12.77 -1.87 -4.23
CA THR A 272 13.89 -0.97 -3.98
C THR A 272 14.37 -0.38 -5.31
N VAL A 273 14.65 0.92 -5.31
CA VAL A 273 14.94 1.69 -6.53
C VAL A 273 16.40 2.14 -6.50
N TYR A 274 17.09 1.95 -7.63
CA TYR A 274 18.48 2.31 -7.83
C TYR A 274 18.62 3.20 -9.05
N THR A 275 19.69 3.99 -9.08
CA THR A 275 20.23 4.42 -10.36
C THR A 275 21.37 3.48 -10.76
N ALA A 276 21.62 3.42 -12.06
CA ALA A 276 22.73 2.62 -12.58
C ALA A 276 23.11 3.17 -13.95
N MET A 277 24.08 2.53 -14.58
CA MET A 277 24.57 3.04 -15.84
C MET A 277 24.79 1.91 -16.82
N ASP A 278 24.41 2.14 -18.08
CA ASP A 278 24.64 1.19 -19.16
C ASP A 278 26.14 1.16 -19.48
N VAL A 279 26.73 -0.04 -19.40
CA VAL A 279 28.17 -0.20 -19.50
C VAL A 279 28.68 0.21 -20.89
N ALA A 280 27.90 -0.09 -21.92
CA ALA A 280 28.31 0.13 -23.31
C ALA A 280 28.02 1.54 -23.81
N THR A 281 26.91 2.15 -23.39
CA THR A 281 26.53 3.46 -23.90
C THR A 281 26.65 4.59 -22.90
N GLY A 282 26.84 4.29 -21.62
CA GLY A 282 26.86 5.32 -20.59
C GLY A 282 25.49 5.89 -20.22
N GLN A 283 24.41 5.33 -20.72
CA GLN A 283 23.07 5.84 -20.38
C GLN A 283 22.77 5.61 -18.89
N GLU A 284 22.28 6.66 -18.21
CA GLU A 284 21.83 6.53 -16.82
C GLU A 284 20.41 5.97 -16.79
N VAL A 285 20.18 4.98 -15.90
CA VAL A 285 18.89 4.30 -15.80
C VAL A 285 18.44 4.22 -14.35
N ALA A 286 17.14 3.97 -14.18
CA ALA A 286 16.53 3.67 -12.89
C ALA A 286 16.08 2.22 -12.90
N ILE A 287 16.36 1.49 -11.83
CA ILE A 287 16.12 0.05 -11.77
C ILE A 287 15.40 -0.25 -10.47
N LYS A 288 14.26 -0.91 -10.59
CA LYS A 288 13.50 -1.33 -9.40
C LYS A 288 13.70 -2.83 -9.19
N GLN A 289 14.00 -3.21 -7.95
CA GLN A 289 14.17 -4.65 -7.63
C GLN A 289 12.99 -5.06 -6.74
N MET A 290 12.29 -6.14 -7.13
CA MET A 290 11.10 -6.58 -6.37
C MET A 290 11.20 -8.07 -6.05
N ASN A 291 10.63 -8.47 -4.92
CA ASN A 291 10.56 -9.91 -4.57
C ASN A 291 9.16 -10.37 -4.96
N LEU A 292 9.07 -11.18 -6.01
CA LEU A 292 7.75 -11.59 -6.52
C LEU A 292 6.95 -12.34 -5.45
N GLN A 293 7.59 -13.23 -4.70
CA GLN A 293 6.85 -14.05 -3.71
C GLN A 293 6.15 -13.14 -2.69
N GLN A 294 6.63 -11.92 -2.51
CA GLN A 294 6.08 -11.02 -1.49
C GLN A 294 5.14 -9.95 -2.09
N GLN A 295 4.95 -9.92 -3.40
CA GLN A 295 4.11 -8.91 -4.03
C GLN A 295 2.69 -9.42 -4.15
N PRO A 296 1.70 -8.68 -3.65
CA PRO A 296 0.31 -9.04 -3.93
C PRO A 296 -0.13 -8.40 -5.24
N LYS A 297 -1.19 -8.97 -5.80
CA LYS A 297 -1.73 -8.53 -7.10
C LYS A 297 -0.62 -8.51 -8.15
N LYS A 298 -0.07 -9.70 -8.40
CA LYS A 298 0.94 -9.84 -9.44
C LYS A 298 0.37 -9.52 -10.80
N GLU A 299 -0.93 -9.77 -11.01
CA GLU A 299 -1.54 -9.42 -12.29
C GLU A 299 -1.45 -7.92 -12.58
N LEU A 300 -1.31 -7.07 -11.55
CA LEU A 300 -1.10 -5.65 -11.80
C LEU A 300 0.32 -5.35 -12.27
N ILE A 301 1.30 -6.12 -11.81
CA ILE A 301 2.66 -6.00 -12.32
C ILE A 301 2.72 -6.45 -13.76
N ILE A 302 2.08 -7.59 -14.08
CA ILE A 302 1.98 -8.03 -15.47
C ILE A 302 1.42 -6.92 -16.35
N ASN A 303 0.29 -6.33 -15.95
CA ASN A 303 -0.33 -5.32 -16.80
C ASN A 303 0.58 -4.10 -16.94
N GLU A 304 1.24 -3.69 -15.86
CA GLU A 304 2.10 -2.51 -15.96
C GLU A 304 3.26 -2.75 -16.92
N ILE A 305 3.91 -3.92 -16.83
CA ILE A 305 5.02 -4.20 -17.73
C ILE A 305 4.53 -4.24 -19.18
N LEU A 306 3.42 -4.92 -19.42
CA LEU A 306 2.96 -5.06 -20.80
C LEU A 306 2.57 -3.71 -21.38
N VAL A 307 1.88 -2.87 -20.60
CA VAL A 307 1.46 -1.58 -21.11
C VAL A 307 2.67 -0.70 -21.42
N MET A 308 3.69 -0.72 -20.54
CA MET A 308 4.90 0.04 -20.83
C MET A 308 5.57 -0.45 -22.10
N ARG A 309 5.72 -1.77 -22.26
CA ARG A 309 6.42 -2.29 -23.44
C ARG A 309 5.72 -1.90 -24.72
N GLU A 310 4.39 -1.88 -24.68
CA GLU A 310 3.56 -1.74 -25.87
C GLU A 310 3.31 -0.30 -26.27
N ASN A 311 3.67 0.67 -25.43
CA ASN A 311 3.27 2.06 -25.63
C ASN A 311 4.43 3.02 -25.33
N LYS A 312 5.52 2.92 -26.09
CA LYS A 312 6.65 3.82 -25.93
C LYS A 312 6.37 5.18 -26.56
N ASN A 313 6.83 6.24 -25.89
CA ASN A 313 6.56 7.60 -26.37
C ASN A 313 7.54 8.54 -25.67
N PRO A 314 8.00 9.61 -26.34
CA PRO A 314 8.96 10.54 -25.71
C PRO A 314 8.44 11.22 -24.44
N ASN A 315 7.13 11.29 -24.24
CA ASN A 315 6.54 11.91 -23.05
C ASN A 315 6.12 10.88 -22.02
N ILE A 316 6.63 9.65 -22.14
CA ILE A 316 6.45 8.64 -21.11
C ILE A 316 7.82 8.17 -20.65
N VAL A 317 7.95 7.94 -19.34
CA VAL A 317 9.20 7.37 -18.83
C VAL A 317 9.37 5.98 -19.43
N ASN A 318 10.43 5.81 -20.22
CA ASN A 318 10.57 4.67 -21.11
C ASN A 318 10.98 3.41 -20.34
N TYR A 319 10.29 2.30 -20.59
CA TYR A 319 10.70 0.98 -20.14
C TYR A 319 11.83 0.52 -21.04
N LEU A 320 12.93 0.09 -20.44
CA LEU A 320 14.10 -0.38 -21.20
C LEU A 320 14.19 -1.91 -21.26
N ASP A 321 14.09 -2.58 -20.12
CA ASP A 321 14.44 -4.00 -20.04
C ASP A 321 13.94 -4.54 -18.71
N SER A 322 13.96 -5.87 -18.58
CA SER A 322 13.62 -6.51 -17.31
C SER A 322 14.34 -7.84 -17.21
N TYR A 323 14.58 -8.28 -15.97
CA TYR A 323 15.40 -9.46 -15.68
C TYR A 323 14.80 -10.25 -14.53
N LEU A 324 14.82 -11.58 -14.68
CA LEU A 324 14.47 -12.52 -13.63
C LEU A 324 15.75 -13.09 -13.02
N VAL A 325 15.95 -12.85 -11.72
CA VAL A 325 17.11 -13.35 -10.99
C VAL A 325 16.56 -14.11 -9.78
N GLY A 326 16.28 -15.41 -9.95
CA GLY A 326 15.72 -16.19 -8.86
C GLY A 326 14.35 -15.66 -8.49
N ASP A 327 14.14 -15.41 -7.21
CA ASP A 327 12.88 -14.81 -6.74
C ASP A 327 12.80 -13.31 -7.06
N GLU A 328 13.83 -12.74 -7.67
CA GLU A 328 13.89 -11.30 -7.89
C GLU A 328 13.48 -10.92 -9.31
N LEU A 329 12.75 -9.83 -9.41
CA LEU A 329 12.43 -9.19 -10.67
C LEU A 329 13.10 -7.82 -10.67
N TRP A 330 13.80 -7.49 -11.75
CA TRP A 330 14.43 -6.18 -11.90
C TRP A 330 13.87 -5.54 -13.16
N VAL A 331 13.38 -4.32 -13.05
CA VAL A 331 12.81 -3.60 -14.17
C VAL A 331 13.64 -2.35 -14.38
N VAL A 332 14.07 -2.12 -15.62
CA VAL A 332 14.97 -1.02 -15.98
C VAL A 332 14.18 0.01 -16.76
N MET A 333 14.24 1.26 -16.30
CA MET A 333 13.57 2.41 -16.87
C MET A 333 14.62 3.47 -17.16
N GLU A 334 14.32 4.35 -18.11
CA GLU A 334 15.19 5.51 -18.24
C GLU A 334 15.12 6.34 -16.95
N TYR A 335 16.16 7.13 -16.71
CA TYR A 335 16.28 7.91 -15.48
C TYR A 335 16.17 9.40 -15.79
N LEU A 336 15.30 10.09 -15.06
CA LEU A 336 15.11 11.53 -15.15
C LEU A 336 15.62 12.14 -13.87
N ALA A 337 16.62 13.01 -13.99
CA ALA A 337 17.36 13.50 -12.83
C ALA A 337 16.77 14.78 -12.24
N GLY A 338 15.66 15.28 -12.76
CA GLY A 338 15.13 16.56 -12.31
C GLY A 338 13.99 16.47 -11.31
N GLY A 339 13.80 15.30 -10.68
CA GLY A 339 12.76 15.17 -9.68
C GLY A 339 11.37 15.17 -10.28
N SER A 340 10.37 15.41 -9.44
CA SER A 340 8.98 15.33 -9.84
C SER A 340 8.37 16.71 -9.99
N LEU A 341 7.23 16.77 -10.68
CA LEU A 341 6.48 18.02 -10.70
C LEU A 341 5.94 18.39 -9.31
N THR A 342 5.72 17.40 -8.44
CA THR A 342 5.29 17.69 -7.06
C THR A 342 6.29 18.59 -6.33
N ASP A 343 7.60 18.27 -6.43
CA ASP A 343 8.60 19.13 -5.81
C ASP A 343 8.51 20.55 -6.33
N VAL A 344 8.26 20.72 -7.63
CA VAL A 344 8.15 22.06 -8.22
C VAL A 344 6.89 22.78 -7.70
N VAL A 345 5.74 22.10 -7.72
CA VAL A 345 4.51 22.83 -7.39
C VAL A 345 4.43 23.16 -5.90
N THR A 346 5.03 22.33 -5.05
CA THR A 346 4.95 22.63 -3.62
C THR A 346 5.99 23.65 -3.16
N GLU A 347 6.99 23.98 -3.98
CA GLU A 347 8.09 24.83 -3.52
C GLU A 347 8.36 26.04 -4.40
N THR A 348 7.61 26.24 -5.48
CA THR A 348 7.90 27.32 -6.41
C THR A 348 6.61 27.93 -6.88
N CYS A 349 6.70 29.15 -7.39
CA CYS A 349 5.59 29.78 -8.12
C CYS A 349 5.86 29.62 -9.60
N MET A 350 4.94 28.99 -10.33
CA MET A 350 5.08 28.82 -11.78
C MET A 350 4.29 29.92 -12.47
N ASP A 351 4.82 30.44 -13.56
CA ASP A 351 4.06 31.42 -14.32
C ASP A 351 3.26 30.69 -15.40
N GLU A 352 2.35 31.43 -16.06
CA GLU A 352 1.43 30.74 -16.97
C GLU A 352 2.16 30.09 -18.15
N GLY A 353 3.24 30.72 -18.63
CA GLY A 353 4.01 30.12 -19.71
C GLY A 353 4.62 28.78 -19.33
N GLN A 354 5.11 28.66 -18.10
CA GLN A 354 5.67 27.38 -17.64
C GLN A 354 4.58 26.34 -17.46
N ILE A 355 3.45 26.78 -16.93
CA ILE A 355 2.31 25.88 -16.74
C ILE A 355 1.82 25.36 -18.08
N ALA A 356 1.72 26.27 -19.07
CA ALA A 356 1.28 25.87 -20.40
C ALA A 356 2.24 24.86 -21.01
N ALA A 357 3.55 25.04 -20.80
CA ALA A 357 4.54 24.09 -21.31
C ALA A 357 4.32 22.69 -20.71
N VAL A 358 4.16 22.59 -19.40
CA VAL A 358 3.90 21.30 -18.75
C VAL A 358 2.60 20.69 -19.28
N CYS A 359 1.53 21.48 -19.33
CA CYS A 359 0.25 20.95 -19.81
C CYS A 359 0.38 20.39 -21.23
N ARG A 360 1.05 21.12 -22.10
CA ARG A 360 1.24 20.64 -23.46
C ARG A 360 1.96 19.29 -23.51
N GLU A 361 3.04 19.13 -22.74
CA GLU A 361 3.76 17.86 -22.80
C GLU A 361 2.89 16.72 -22.26
N CYS A 362 2.16 17.00 -21.19
CA CYS A 362 1.28 15.97 -20.62
C CYS A 362 0.16 15.59 -21.59
N LEU A 363 -0.43 16.57 -22.27
CA LEU A 363 -1.45 16.29 -23.28
C LEU A 363 -0.91 15.49 -24.45
N GLN A 364 0.36 15.69 -24.80
CA GLN A 364 0.96 14.85 -25.86
C GLN A 364 1.02 13.39 -25.45
N ALA A 365 1.41 13.12 -24.19
CA ALA A 365 1.37 11.74 -23.69
C ALA A 365 -0.05 11.20 -23.70
N LEU A 366 -1.02 11.98 -23.25
CA LEU A 366 -2.39 11.47 -23.15
C LEU A 366 -3.02 11.28 -24.53
N GLU A 367 -2.74 12.17 -25.48
CA GLU A 367 -3.24 11.92 -26.83
C GLU A 367 -2.71 10.60 -27.36
N PHE A 368 -1.44 10.31 -27.08
CA PHE A 368 -0.85 9.06 -27.57
C PHE A 368 -1.51 7.85 -26.89
N LEU A 369 -1.69 7.93 -25.57
CA LEU A 369 -2.25 6.79 -24.83
C LEU A 369 -3.68 6.54 -25.22
N HIS A 370 -4.49 7.60 -25.30
CA HIS A 370 -5.90 7.44 -25.61
C HIS A 370 -6.10 6.91 -27.01
N SER A 371 -5.26 7.33 -27.95
CA SER A 371 -5.36 6.78 -29.30
C SER A 371 -4.93 5.32 -29.34
N ASN A 372 -4.22 4.85 -28.31
CA ASN A 372 -3.89 3.45 -28.13
C ASN A 372 -4.84 2.73 -27.16
N GLN A 373 -5.99 3.36 -26.85
CA GLN A 373 -7.01 2.81 -25.94
C GLN A 373 -6.45 2.45 -24.57
N VAL A 374 -5.56 3.29 -24.05
CA VAL A 374 -5.04 3.18 -22.70
C VAL A 374 -5.50 4.39 -21.90
N ILE A 375 -6.15 4.17 -20.75
CA ILE A 375 -6.48 5.24 -19.80
C ILE A 375 -5.53 5.14 -18.62
N HIS A 376 -4.86 6.24 -18.29
CA HIS A 376 -3.88 6.16 -17.22
C HIS A 376 -4.56 6.01 -15.86
N ARG A 377 -5.57 6.85 -15.57
CA ARG A 377 -6.41 6.90 -14.36
C ARG A 377 -5.69 7.34 -13.08
N ASN A 378 -4.39 7.66 -13.12
CA ASN A 378 -3.71 8.13 -11.90
C ASN A 378 -2.77 9.31 -12.22
N ILE A 379 -3.24 10.24 -13.05
CA ILE A 379 -2.51 11.48 -13.36
C ILE A 379 -2.50 12.37 -12.13
N LYS A 380 -1.32 12.88 -11.77
CA LYS A 380 -1.10 13.79 -10.66
C LYS A 380 0.35 14.24 -10.77
N SER A 381 0.69 15.33 -10.10
CA SER A 381 2.05 15.83 -10.25
C SER A 381 3.10 14.84 -9.75
N ASP A 382 2.71 13.93 -8.86
CA ASP A 382 3.65 12.94 -8.33
C ASP A 382 4.12 11.97 -9.40
N ASN A 383 3.33 11.82 -10.46
CA ASN A 383 3.64 10.91 -11.56
C ASN A 383 4.09 11.62 -12.81
N ILE A 384 4.50 12.88 -12.69
CA ILE A 384 5.16 13.63 -13.74
C ILE A 384 6.63 13.77 -13.32
N LEU A 385 7.54 13.15 -14.08
CA LEU A 385 8.98 13.25 -13.82
C LEU A 385 9.62 14.25 -14.77
N LEU A 386 10.62 14.98 -14.29
CA LEU A 386 11.27 16.01 -15.08
C LEU A 386 12.73 15.68 -15.39
N GLY A 387 13.14 15.90 -16.64
CA GLY A 387 14.57 15.81 -16.96
C GLY A 387 15.34 17.10 -16.67
N MET A 388 16.67 17.00 -16.59
CA MET A 388 17.47 18.19 -16.33
C MET A 388 17.44 19.21 -17.46
N ASP A 389 16.96 18.83 -18.63
CA ASP A 389 16.72 19.76 -19.72
C ASP A 389 15.27 20.27 -19.75
N GLY A 390 14.52 20.04 -18.68
CA GLY A 390 13.12 20.42 -18.67
C GLY A 390 12.18 19.48 -19.39
N SER A 391 12.64 18.32 -19.84
CA SER A 391 11.72 17.35 -20.40
C SER A 391 10.68 16.91 -19.36
N VAL A 392 9.51 16.54 -19.85
CA VAL A 392 8.34 16.23 -19.02
C VAL A 392 7.82 14.85 -19.40
N LYS A 393 7.81 13.92 -18.45
CA LYS A 393 7.40 12.53 -18.76
C LYS A 393 6.45 11.91 -17.72
N LEU A 394 5.45 11.19 -18.21
CA LEU A 394 4.46 10.51 -17.34
C LEU A 394 4.98 9.14 -16.88
N THR A 395 4.68 8.78 -15.64
CA THR A 395 5.05 7.46 -15.11
C THR A 395 3.89 6.76 -14.41
N ASP A 396 4.19 5.73 -13.61
CA ASP A 396 3.20 4.98 -12.81
C ASP A 396 1.94 4.38 -13.45
N PHE A 397 2.10 3.46 -14.39
CA PHE A 397 0.99 2.91 -15.19
C PHE A 397 0.30 1.74 -14.48
N GLY A 398 0.52 1.58 -13.18
CA GLY A 398 -0.07 0.47 -12.40
C GLY A 398 -1.59 0.47 -12.32
N PHE A 399 -2.22 1.62 -12.52
CA PHE A 399 -3.69 1.72 -12.40
C PHE A 399 -4.31 1.89 -13.76
N CYS A 400 -3.53 1.72 -14.82
CA CYS A 400 -4.09 2.05 -16.12
C CYS A 400 -5.07 0.97 -16.57
N ALA A 401 -5.98 1.37 -17.45
CA ALA A 401 -7.02 0.50 -18.01
C ALA A 401 -6.86 0.44 -19.51
N GLN A 402 -7.05 -0.74 -20.09
CA GLN A 402 -7.11 -0.86 -21.54
C GLN A 402 -8.55 -1.11 -21.95
N ILE A 403 -9.08 -0.24 -22.82
CA ILE A 403 -10.46 -0.35 -23.29
C ILE A 403 -10.51 -0.95 -24.69
N THR A 404 -11.69 -1.42 -25.07
CA THR A 404 -11.96 -2.01 -26.37
C THR A 404 -13.23 -1.40 -26.93
N PRO A 405 -13.49 -1.55 -28.23
CA PRO A 405 -14.80 -1.15 -28.75
C PRO A 405 -15.95 -1.97 -28.17
N GLU A 406 -15.69 -3.20 -27.74
CA GLU A 406 -16.75 -3.99 -27.10
C GLU A 406 -16.99 -3.57 -25.65
N GLN A 407 -15.95 -3.09 -24.95
CA GLN A 407 -16.08 -2.56 -23.60
C GLN A 407 -15.32 -1.24 -23.56
N SER A 408 -15.97 -0.17 -24.03
CA SER A 408 -15.34 1.14 -24.18
C SER A 408 -15.23 1.90 -22.87
N LYS A 409 -15.83 1.42 -21.79
CA LYS A 409 -15.91 2.19 -20.56
C LYS A 409 -15.55 1.32 -19.36
N ARG A 410 -15.21 2.00 -18.26
CA ARG A 410 -14.99 1.40 -16.96
C ARG A 410 -15.91 2.08 -15.95
N SER A 411 -16.11 1.45 -14.78
CA SER A 411 -16.96 2.08 -13.75
C SER A 411 -16.40 1.98 -12.34
N GLU A 412 -15.20 1.42 -12.16
CA GLU A 412 -14.67 1.18 -10.83
C GLU A 412 -13.93 2.40 -10.27
N MET A 413 -13.92 2.51 -8.94
CA MET A 413 -13.33 3.68 -8.29
C MET A 413 -11.82 3.46 -8.21
N VAL A 414 -11.09 3.86 -9.25
CA VAL A 414 -9.65 3.67 -9.32
C VAL A 414 -8.99 5.04 -9.46
N GLY A 415 -7.93 5.26 -8.70
CA GLY A 415 -7.21 6.53 -8.77
C GLY A 415 -6.78 7.02 -7.39
N THR A 416 -6.39 8.30 -7.33
CA THR A 416 -6.08 8.93 -6.07
C THR A 416 -7.14 9.97 -5.81
N PRO A 417 -7.82 9.93 -4.65
CA PRO A 417 -9.09 10.67 -4.49
C PRO A 417 -9.08 12.11 -5.00
N TYR A 418 -8.09 12.90 -4.59
CA TYR A 418 -8.15 14.34 -4.88
C TYR A 418 -8.14 14.63 -6.38
N TRP A 419 -7.59 13.72 -7.18
CA TRP A 419 -7.48 13.90 -8.63
C TRP A 419 -8.55 13.15 -9.43
N MET A 420 -9.45 12.42 -8.77
CA MET A 420 -10.43 11.62 -9.50
C MET A 420 -11.59 12.45 -10.05
N ALA A 421 -11.96 12.16 -11.30
CA ALA A 421 -13.12 12.82 -11.90
C ALA A 421 -14.43 12.39 -11.23
N PRO A 422 -15.46 13.24 -11.25
CA PRO A 422 -16.72 12.90 -10.55
C PRO A 422 -17.37 11.63 -11.05
N GLU A 423 -17.28 11.34 -12.35
CA GLU A 423 -17.89 10.13 -12.86
C GLU A 423 -17.18 8.88 -12.34
N VAL A 424 -15.89 8.99 -11.96
CA VAL A 424 -15.17 7.85 -11.35
C VAL A 424 -15.58 7.69 -9.90
N VAL A 425 -15.55 8.81 -9.17
CA VAL A 425 -15.92 8.81 -7.76
C VAL A 425 -17.31 8.22 -7.56
N THR A 426 -18.25 8.53 -8.47
CA THR A 426 -19.64 8.09 -8.31
C THR A 426 -19.98 6.83 -9.10
N ARG A 427 -18.97 6.15 -9.66
CA ARG A 427 -19.11 4.83 -10.26
C ARG A 427 -20.07 4.86 -11.45
N LYS A 428 -19.92 5.87 -12.29
CA LYS A 428 -20.61 5.91 -13.57
C LYS A 428 -19.68 5.37 -14.65
N ALA A 429 -20.26 4.98 -15.79
CA ALA A 429 -19.45 4.54 -16.90
C ALA A 429 -18.56 5.69 -17.36
N TYR A 430 -17.25 5.44 -17.48
CA TYR A 430 -16.30 6.51 -17.82
C TYR A 430 -15.29 6.05 -18.87
N GLY A 431 -14.59 7.03 -19.44
CA GLY A 431 -13.67 6.78 -20.51
C GLY A 431 -12.41 7.63 -20.37
N PRO A 432 -11.69 7.81 -21.49
CA PRO A 432 -10.38 8.48 -21.41
C PRO A 432 -10.42 9.88 -20.83
N LYS A 433 -11.55 10.57 -20.89
CA LYS A 433 -11.53 11.95 -20.41
C LYS A 433 -11.40 12.06 -18.91
N VAL A 434 -11.41 10.94 -18.17
CA VAL A 434 -11.10 11.07 -16.75
C VAL A 434 -9.66 11.56 -16.58
N ASP A 435 -8.78 11.24 -17.54
CA ASP A 435 -7.41 11.71 -17.48
C ASP A 435 -7.34 13.22 -17.72
N ILE A 436 -8.28 13.76 -18.51
CA ILE A 436 -8.30 15.21 -18.75
C ILE A 436 -8.72 15.94 -17.49
N TRP A 437 -9.74 15.41 -16.79
CA TRP A 437 -10.09 15.93 -15.49
C TRP A 437 -8.86 15.97 -14.57
N SER A 438 -8.17 14.85 -14.44
CA SER A 438 -7.05 14.78 -13.50
C SER A 438 -5.95 15.77 -13.91
N LEU A 439 -5.76 15.96 -15.21
CA LEU A 439 -4.83 17.00 -15.67
C LEU A 439 -5.28 18.38 -15.23
N GLY A 440 -6.58 18.66 -15.32
CA GLY A 440 -7.11 19.91 -14.82
C GLY A 440 -6.81 20.10 -13.34
N ILE A 441 -6.95 19.03 -12.55
CA ILE A 441 -6.58 19.11 -11.14
C ILE A 441 -5.09 19.38 -10.99
N MET A 442 -4.26 18.74 -11.81
CA MET A 442 -2.81 19.03 -11.78
C MET A 442 -2.51 20.48 -12.12
N ALA A 443 -3.28 21.09 -13.04
CA ALA A 443 -3.11 22.52 -13.29
C ALA A 443 -3.45 23.35 -12.06
N ILE A 444 -4.49 22.96 -11.29
CA ILE A 444 -4.76 23.63 -10.02
C ILE A 444 -3.59 23.45 -9.04
N GLU A 445 -2.96 22.27 -9.03
CA GLU A 445 -1.74 22.14 -8.25
C GLU A 445 -0.69 23.17 -8.68
N MET A 446 -0.52 23.36 -9.99
CA MET A 446 0.51 24.29 -10.47
C MET A 446 0.15 25.74 -10.11
N ILE A 447 -1.16 26.04 -9.99
CA ILE A 447 -1.65 27.37 -9.63
C ILE A 447 -1.53 27.61 -8.13
N GLU A 448 -2.08 26.68 -7.35
CA GLU A 448 -2.35 26.89 -5.94
C GLU A 448 -1.41 26.13 -5.02
N GLY A 449 -0.67 25.13 -5.54
CA GLY A 449 0.24 24.33 -4.75
C GLY A 449 -0.30 22.96 -4.37
N GLU A 450 -1.61 22.78 -4.41
CA GLU A 450 -2.27 21.56 -3.94
C GLU A 450 -3.49 21.33 -4.80
N PRO A 451 -3.96 20.08 -4.89
CA PRO A 451 -5.29 19.82 -5.44
C PRO A 451 -6.35 20.34 -4.48
N PRO A 452 -7.58 20.57 -4.94
CA PRO A 452 -8.66 20.90 -4.01
C PRO A 452 -8.83 19.83 -2.93
N TYR A 453 -9.12 20.29 -1.72
CA TYR A 453 -9.52 19.51 -0.56
C TYR A 453 -8.39 18.69 0.05
N LEU A 454 -7.13 18.98 -0.29
CA LEU A 454 -6.02 18.17 0.25
C LEU A 454 -5.99 18.16 1.77
N ASN A 455 -6.51 19.22 2.43
CA ASN A 455 -6.51 19.20 3.88
C ASN A 455 -7.52 18.20 4.46
N GLU A 456 -8.50 17.76 3.68
CA GLU A 456 -9.52 16.81 4.13
C GLU A 456 -9.00 15.37 4.01
N ASN A 457 -9.62 14.47 4.77
CA ASN A 457 -9.28 13.07 4.63
C ASN A 457 -9.77 12.56 3.27
N PRO A 458 -9.13 11.51 2.72
CA PRO A 458 -9.48 11.06 1.36
C PRO A 458 -10.96 10.77 1.14
N LEU A 459 -11.62 10.20 2.14
CA LEU A 459 -13.04 9.88 1.99
C LEU A 459 -13.89 11.14 1.90
N ARG A 460 -13.59 12.12 2.76
CA ARG A 460 -14.29 13.41 2.69
C ARG A 460 -14.05 14.06 1.33
N ALA A 461 -12.83 13.97 0.80
CA ALA A 461 -12.56 14.53 -0.52
C ALA A 461 -13.40 13.84 -1.59
N LEU A 462 -13.59 12.52 -1.50
CA LEU A 462 -14.50 11.86 -2.44
C LEU A 462 -15.91 12.43 -2.35
N TYR A 463 -16.42 12.60 -1.12
CA TYR A 463 -17.76 13.17 -0.95
C TYR A 463 -17.84 14.55 -1.58
N LEU A 464 -16.80 15.37 -1.37
CA LEU A 464 -16.82 16.73 -1.88
C LEU A 464 -16.74 16.77 -3.39
N ILE A 465 -15.96 15.88 -3.99
CA ILE A 465 -15.93 15.82 -5.45
C ILE A 465 -17.30 15.43 -5.98
N ALA A 466 -17.92 14.42 -5.39
CA ALA A 466 -19.23 13.98 -5.85
C ALA A 466 -20.26 15.09 -5.72
N THR A 467 -20.20 15.87 -4.65
CA THR A 467 -21.24 16.86 -4.39
C THR A 467 -20.96 18.22 -5.05
N ASN A 468 -19.70 18.64 -5.11
CA ASN A 468 -19.35 19.94 -5.71
C ASN A 468 -19.15 19.87 -7.22
N GLY A 469 -18.64 18.76 -7.75
CA GLY A 469 -18.36 18.72 -9.18
C GLY A 469 -17.16 19.59 -9.49
N THR A 470 -17.28 20.48 -10.47
CA THR A 470 -16.14 21.34 -10.86
C THR A 470 -15.66 22.14 -9.65
N PRO A 471 -14.41 22.02 -9.24
CA PRO A 471 -13.95 22.71 -8.03
C PRO A 471 -13.75 24.19 -8.29
N GLU A 472 -13.76 24.97 -7.20
CA GLU A 472 -13.53 26.43 -7.23
C GLU A 472 -12.07 26.76 -6.99
N LEU A 473 -11.57 27.79 -7.68
CA LEU A 473 -10.24 28.30 -7.38
C LEU A 473 -10.31 29.28 -6.22
N GLN A 474 -9.21 29.36 -5.48
CA GLN A 474 -9.13 30.32 -4.39
C GLN A 474 -9.18 31.75 -4.92
N ASN A 475 -8.44 32.04 -6.00
CA ASN A 475 -8.35 33.40 -6.54
C ASN A 475 -8.41 33.35 -8.07
N PRO A 476 -9.60 33.11 -8.62
CA PRO A 476 -9.70 33.02 -10.09
C PRO A 476 -9.29 34.30 -10.80
N GLU A 477 -9.44 35.43 -10.12
CA GLU A 477 -9.11 36.73 -10.68
C GLU A 477 -7.63 36.83 -11.05
N LYS A 478 -6.79 35.94 -10.52
CA LYS A 478 -5.36 36.00 -10.82
C LYS A 478 -4.99 35.32 -12.14
N LEU A 479 -5.91 34.60 -12.79
CA LEU A 479 -5.61 33.88 -14.03
C LEU A 479 -6.04 34.66 -15.27
N SER A 480 -5.30 34.49 -16.37
CA SER A 480 -5.74 35.09 -17.62
C SER A 480 -7.06 34.47 -18.07
N ALA A 481 -7.77 35.19 -18.95
CA ALA A 481 -9.03 34.62 -19.45
C ALA A 481 -8.77 33.33 -20.19
N ILE A 482 -7.66 33.26 -20.94
CA ILE A 482 -7.38 32.07 -21.73
C ILE A 482 -7.06 30.87 -20.84
N PHE A 483 -6.30 31.08 -19.75
CA PHE A 483 -6.02 30.00 -18.82
C PHE A 483 -7.30 29.52 -18.14
N ARG A 484 -8.13 30.47 -17.68
CA ARG A 484 -9.40 30.06 -17.09
C ARG A 484 -10.22 29.22 -18.05
N ASP A 485 -10.22 29.57 -19.34
CA ASP A 485 -11.02 28.81 -20.28
C ASP A 485 -10.48 27.38 -20.45
N PHE A 486 -9.15 27.25 -20.53
CA PHE A 486 -8.53 25.92 -20.59
C PHE A 486 -8.92 25.08 -19.38
N LEU A 487 -8.83 25.67 -18.19
CA LEU A 487 -9.19 24.94 -16.98
C LEU A 487 -10.64 24.51 -17.00
N ASN A 488 -11.55 25.43 -17.38
CA ASN A 488 -12.96 25.11 -17.51
C ASN A 488 -13.17 23.92 -18.43
N ARG A 489 -12.45 23.87 -19.55
CA ARG A 489 -12.63 22.77 -20.49
C ARG A 489 -12.02 21.46 -20.01
N CYS A 490 -11.03 21.50 -19.10
CA CYS A 490 -10.55 20.25 -18.50
C CYS A 490 -11.47 19.75 -17.39
N LEU A 491 -12.16 20.66 -16.67
CA LEU A 491 -12.92 20.32 -15.48
C LEU A 491 -14.43 20.35 -15.72
N GLU A 492 -14.84 20.22 -16.98
CA GLU A 492 -16.25 20.23 -17.32
C GLU A 492 -16.95 18.99 -16.76
N MET A 493 -18.10 19.21 -16.13
CA MET A 493 -18.90 18.10 -15.60
C MET A 493 -19.45 17.22 -16.72
N ASP A 494 -19.93 17.84 -17.79
CA ASP A 494 -20.47 17.13 -18.93
C ASP A 494 -19.30 16.50 -19.71
N VAL A 495 -19.21 15.17 -19.67
CA VAL A 495 -18.08 14.48 -20.31
C VAL A 495 -18.06 14.74 -21.81
N GLU A 496 -19.22 14.91 -22.43
CA GLU A 496 -19.25 15.23 -23.85
C GLU A 496 -18.66 16.60 -24.13
N LYS A 497 -18.84 17.54 -23.20
CA LYS A 497 -18.32 18.89 -23.41
C LYS A 497 -16.87 19.05 -22.97
N ARG A 498 -16.41 18.22 -22.04
CA ARG A 498 -15.01 18.24 -21.62
C ARG A 498 -14.12 17.96 -22.81
N GLY A 499 -12.96 18.60 -22.84
CA GLY A 499 -12.09 18.47 -23.98
C GLY A 499 -11.43 17.09 -24.05
N SER A 500 -11.22 16.61 -25.27
CA SER A 500 -10.30 15.48 -25.46
C SER A 500 -8.86 15.99 -25.45
N ALA A 501 -7.90 15.07 -25.35
CA ALA A 501 -6.50 15.50 -25.41
C ALA A 501 -6.19 16.11 -26.78
N LYS A 502 -6.66 15.49 -27.84
CA LYS A 502 -6.45 16.02 -29.19
C LYS A 502 -7.01 17.43 -29.29
N GLU A 503 -8.23 17.64 -28.80
CA GLU A 503 -8.85 18.97 -28.83
C GLU A 503 -8.05 19.97 -28.00
N LEU A 504 -7.68 19.59 -26.78
CA LEU A 504 -7.00 20.58 -25.93
C LEU A 504 -5.62 20.95 -26.45
N LEU A 505 -4.98 20.07 -27.24
CA LEU A 505 -3.68 20.42 -27.79
C LEU A 505 -3.77 21.61 -28.74
N GLN A 506 -4.98 21.96 -29.22
CA GLN A 506 -5.16 23.14 -30.05
C GLN A 506 -5.62 24.37 -29.27
N HIS A 507 -5.72 24.27 -27.95
CA HIS A 507 -6.27 25.37 -27.17
C HIS A 507 -5.30 26.55 -27.15
N GLN A 508 -5.85 27.76 -27.19
CA GLN A 508 -4.97 28.92 -27.27
C GLN A 508 -4.09 29.07 -26.04
N PHE A 509 -4.48 28.53 -24.87
CA PHE A 509 -3.63 28.64 -23.68
C PHE A 509 -2.24 28.08 -23.93
N LEU A 510 -2.17 26.99 -24.72
CA LEU A 510 -0.88 26.37 -24.97
C LEU A 510 0.00 27.22 -25.87
N LYS A 511 -0.58 28.19 -26.59
CA LYS A 511 0.23 29.03 -27.46
C LYS A 511 1.10 29.99 -26.69
N ILE A 512 0.87 30.18 -25.39
CA ILE A 512 1.74 31.04 -24.61
C ILE A 512 2.83 30.21 -23.92
N ALA A 513 2.94 28.92 -24.22
CA ALA A 513 3.90 28.08 -23.51
C ALA A 513 5.32 28.58 -23.75
N LYS A 514 6.12 28.62 -22.68
CA LYS A 514 7.53 28.92 -22.80
C LYS A 514 8.29 27.66 -23.21
N PRO A 515 9.52 27.79 -23.71
CA PRO A 515 10.32 26.58 -24.00
C PRO A 515 10.58 25.79 -22.73
N LEU A 516 10.82 24.50 -22.91
CA LEU A 516 10.99 23.64 -21.74
C LEU A 516 12.23 24.00 -20.93
N SER A 517 13.21 24.68 -21.55
CA SER A 517 14.33 25.20 -20.78
C SER A 517 13.87 26.08 -19.61
N SER A 518 12.71 26.75 -19.76
CA SER A 518 12.15 27.61 -18.72
C SER A 518 11.89 26.87 -17.41
N LEU A 519 11.79 25.53 -17.45
CA LEU A 519 11.54 24.75 -16.25
C LEU A 519 12.81 24.44 -15.44
N THR A 520 13.99 24.60 -16.01
CA THR A 520 15.17 24.17 -15.23
C THR A 520 15.43 25.09 -14.03
N PRO A 521 15.11 26.40 -14.07
CA PRO A 521 15.23 27.18 -12.83
C PRO A 521 14.29 26.70 -11.73
N LEU A 522 13.09 26.25 -12.11
CA LEU A 522 12.16 25.69 -11.13
C LEU A 522 12.69 24.39 -10.54
N ILE A 523 13.31 23.54 -11.38
CA ILE A 523 13.92 22.32 -10.87
C ILE A 523 15.04 22.65 -9.90
N ALA A 524 15.86 23.65 -10.22
CA ALA A 524 16.92 24.06 -9.30
C ALA A 524 16.35 24.57 -7.98
N ALA A 525 15.25 25.34 -8.05
CA ALA A 525 14.65 25.86 -6.82
C ALA A 525 14.07 24.74 -5.98
N ALA A 526 13.41 23.78 -6.63
CA ALA A 526 12.83 22.65 -5.92
C ALA A 526 13.90 21.81 -5.22
N LYS A 527 15.02 21.57 -5.91
CA LYS A 527 16.15 20.87 -5.31
C LYS A 527 16.71 21.61 -4.11
N GLU A 528 16.86 22.95 -4.20
CA GLU A 528 17.36 23.69 -3.05
C GLU A 528 16.36 23.64 -1.89
N ALA A 529 15.06 23.72 -2.20
CA ALA A 529 14.07 23.74 -1.14
C ALA A 529 14.06 22.42 -0.39
N THR A 530 14.32 21.33 -1.10
CA THR A 530 14.38 20.03 -0.46
C THR A 530 15.50 19.97 0.57
N LYS A 531 16.64 20.63 0.31
CA LYS A 531 17.69 20.71 1.31
C LYS A 531 17.25 21.50 2.54
N ASN A 532 16.52 22.61 2.33
CA ASN A 532 16.00 23.42 3.44
C ASN A 532 15.11 22.60 4.35
N ASN A 533 14.22 21.78 3.77
CA ASN A 533 13.26 21.03 4.57
C ASN A 533 13.93 19.90 5.35
N HIS A 534 15.10 19.43 4.91
CA HIS A 534 15.80 18.36 5.57
C HIS A 534 16.75 18.83 6.67
N GLY A 535 17.21 20.08 6.60
CA GLY A 535 18.14 20.61 7.59
C GLY A 535 17.47 21.28 8.77
N GLU B 244 24.88 1.76 23.46
CA GLU B 244 25.16 1.28 24.81
C GLU B 244 23.87 0.93 25.54
N LYS B 245 22.77 1.55 25.13
CA LYS B 245 21.46 1.09 25.58
C LYS B 245 21.09 -0.21 24.88
N LEU B 246 21.50 -0.37 23.62
CA LEU B 246 21.33 -1.63 22.92
C LEU B 246 22.22 -2.71 23.53
N ARG B 247 23.44 -2.36 23.91
CA ARG B 247 24.34 -3.31 24.55
C ARG B 247 23.85 -3.69 25.94
N SER B 248 23.06 -2.82 26.59
CA SER B 248 22.36 -3.14 27.82
C SER B 248 20.95 -3.65 27.57
N ILE B 249 20.65 -4.03 26.33
CA ILE B 249 19.38 -4.64 25.96
C ILE B 249 19.59 -6.03 25.38
N VAL B 250 20.66 -6.23 24.62
CA VAL B 250 20.99 -7.49 23.99
C VAL B 250 21.66 -8.40 25.01
N SER B 251 21.92 -9.63 24.59
CA SER B 251 22.62 -10.62 25.37
C SER B 251 24.01 -10.80 24.80
N VAL B 252 24.93 -11.28 25.63
CA VAL B 252 26.27 -11.58 25.19
C VAL B 252 26.32 -13.07 24.85
N GLY B 253 27.25 -13.42 23.98
CA GLY B 253 27.34 -14.75 23.45
C GLY B 253 27.26 -14.76 21.94
N ASP B 254 27.40 -15.96 21.39
CA ASP B 254 27.45 -16.16 19.95
C ASP B 254 26.18 -16.88 19.51
N PRO B 255 25.21 -16.19 18.90
CA PRO B 255 24.00 -16.88 18.45
C PRO B 255 24.29 -17.88 17.35
N LYS B 256 25.41 -17.73 16.65
CA LYS B 256 25.75 -18.74 15.66
C LYS B 256 26.13 -20.07 16.31
N LYS B 257 26.48 -20.06 17.59
CA LYS B 257 26.75 -21.29 18.33
C LYS B 257 25.55 -21.80 19.10
N LYS B 258 24.68 -20.91 19.56
CA LYS B 258 23.51 -21.31 20.34
C LYS B 258 22.43 -21.92 19.46
N TYR B 259 22.39 -21.58 18.17
CA TYR B 259 21.32 -22.00 17.27
C TYR B 259 21.91 -22.71 16.06
N THR B 260 21.13 -23.61 15.46
CA THR B 260 21.54 -24.31 14.25
C THR B 260 20.35 -24.41 13.30
N ARG B 261 20.59 -25.00 12.12
CA ARG B 261 19.54 -25.26 11.13
C ARG B 261 18.82 -23.98 10.71
N PHE B 262 19.58 -22.98 10.27
CA PHE B 262 18.96 -21.74 9.81
C PHE B 262 18.29 -21.93 8.46
N GLU B 263 17.05 -21.47 8.33
CA GLU B 263 16.29 -21.54 7.09
C GLU B 263 15.54 -20.24 6.88
N LYS B 264 15.85 -19.54 5.79
CA LYS B 264 15.19 -18.27 5.51
C LYS B 264 13.71 -18.48 5.23
N ILE B 265 12.87 -17.64 5.84
CA ILE B 265 11.44 -17.58 5.51
C ILE B 265 11.18 -16.51 4.45
N GLY B 266 11.65 -15.30 4.71
CA GLY B 266 11.43 -14.19 3.80
C GLY B 266 12.03 -12.94 4.40
N GLN B 267 11.78 -11.81 3.72
CA GLN B 267 12.31 -10.53 4.13
C GLN B 267 11.16 -9.58 4.45
N GLY B 268 11.11 -9.10 5.68
CA GLY B 268 10.24 -8.00 6.03
C GLY B 268 10.89 -6.65 5.74
N ALA B 269 10.11 -5.59 5.99
CA ALA B 269 10.68 -4.24 5.90
C ALA B 269 11.81 -4.07 6.89
N SER B 270 11.67 -4.63 8.08
CA SER B 270 12.72 -4.59 9.11
C SER B 270 13.97 -5.27 8.60
N GLY B 271 13.92 -6.59 8.44
CA GLY B 271 15.06 -7.33 7.96
C GLY B 271 14.67 -8.70 7.44
N THR B 272 15.63 -9.61 7.47
CA THR B 272 15.44 -10.98 7.02
C THR B 272 15.05 -11.88 8.19
N VAL B 273 14.16 -12.84 7.94
CA VAL B 273 13.66 -13.72 8.99
C VAL B 273 14.06 -15.16 8.70
N TYR B 274 14.57 -15.84 9.72
CA TYR B 274 14.96 -17.24 9.65
C TYR B 274 14.23 -18.04 10.70
N THR B 275 14.06 -19.33 10.44
CA THR B 275 13.82 -20.29 11.50
C THR B 275 15.14 -20.96 11.85
N ALA B 276 15.26 -21.38 13.10
CA ALA B 276 16.46 -22.05 13.58
C ALA B 276 16.06 -22.86 14.80
N MET B 277 17.01 -23.61 15.34
CA MET B 277 16.74 -24.46 16.51
C MET B 277 17.80 -24.26 17.58
N ASP B 278 17.35 -24.16 18.83
CA ASP B 278 18.25 -24.05 19.97
C ASP B 278 19.03 -25.35 20.13
N VAL B 279 20.37 -25.29 20.04
CA VAL B 279 21.20 -26.50 20.06
C VAL B 279 21.14 -27.23 21.40
N ALA B 280 20.82 -26.53 22.49
CA ALA B 280 20.77 -27.17 23.80
C ALA B 280 19.38 -27.71 24.17
N THR B 281 18.30 -27.08 23.72
CA THR B 281 16.94 -27.50 24.12
C THR B 281 16.08 -28.04 22.99
N GLY B 282 16.48 -27.85 21.74
CA GLY B 282 15.65 -28.24 20.62
C GLY B 282 14.49 -27.30 20.33
N GLN B 283 14.37 -26.19 21.05
CA GLN B 283 13.29 -25.26 20.78
C GLN B 283 13.47 -24.61 19.42
N GLU B 284 12.41 -24.61 18.62
CA GLU B 284 12.40 -23.88 17.37
C GLU B 284 12.20 -22.38 17.63
N VAL B 285 12.95 -21.57 16.89
CA VAL B 285 12.91 -20.12 17.04
C VAL B 285 12.77 -19.45 15.68
N ALA B 286 12.31 -18.19 15.72
CA ALA B 286 12.30 -17.32 14.56
C ALA B 286 13.24 -16.16 14.86
N ILE B 287 14.12 -15.84 13.91
CA ILE B 287 15.15 -14.85 14.13
C ILE B 287 15.06 -13.81 13.02
N LYS B 288 14.91 -12.55 13.40
CA LYS B 288 14.89 -11.44 12.44
C LYS B 288 16.24 -10.74 12.52
N GLN B 289 16.94 -10.67 11.39
CA GLN B 289 18.23 -10.02 11.29
C GLN B 289 18.03 -8.66 10.64
N MET B 290 18.49 -7.61 11.31
CA MET B 290 18.29 -6.24 10.84
C MET B 290 19.62 -5.52 10.78
N ASN B 291 19.99 -5.05 9.59
CA ASN B 291 21.15 -4.18 9.45
C ASN B 291 20.83 -2.83 10.07
N LEU B 292 21.48 -2.53 11.19
CA LEU B 292 21.26 -1.28 11.90
C LEU B 292 22.26 -0.20 11.52
N GLN B 293 22.95 -0.36 10.39
CA GLN B 293 23.97 0.59 9.94
C GLN B 293 23.60 1.13 8.56
N GLN B 294 22.60 2.02 8.50
CA GLN B 294 21.79 2.39 9.65
C GLN B 294 20.34 2.59 9.26
N GLN B 295 19.44 2.13 10.12
CA GLN B 295 18.05 2.47 9.92
C GLN B 295 17.67 3.64 10.83
N PRO B 296 16.93 4.61 10.33
CA PRO B 296 16.45 5.69 11.20
C PRO B 296 15.58 5.13 12.32
N LYS B 297 15.21 6.02 13.25
CA LYS B 297 14.54 5.65 14.50
C LYS B 297 15.04 4.31 15.03
N LYS B 298 16.37 4.20 15.12
CA LYS B 298 16.97 3.02 15.72
C LYS B 298 16.59 2.91 17.20
N GLU B 299 16.51 4.05 17.89
CA GLU B 299 16.07 4.07 19.28
C GLU B 299 14.64 3.58 19.41
N LEU B 300 13.85 3.73 18.35
CA LEU B 300 12.47 3.25 18.39
C LEU B 300 12.43 1.73 18.35
N ILE B 301 13.26 1.12 17.51
CA ILE B 301 13.41 -0.33 17.54
C ILE B 301 13.93 -0.78 18.90
N ILE B 302 14.94 -0.08 19.41
CA ILE B 302 15.51 -0.41 20.72
C ILE B 302 14.44 -0.32 21.80
N ASN B 303 13.61 0.73 21.76
CA ASN B 303 12.59 0.88 22.78
C ASN B 303 11.45 -0.12 22.58
N GLU B 304 11.03 -0.34 21.33
CA GLU B 304 10.01 -1.34 21.05
C GLU B 304 10.45 -2.72 21.54
N ILE B 305 11.68 -3.10 21.21
CA ILE B 305 12.23 -4.36 21.71
C ILE B 305 12.37 -4.32 23.23
N LEU B 306 12.72 -3.15 23.78
CA LEU B 306 12.79 -2.98 25.22
C LEU B 306 11.46 -3.30 25.88
N VAL B 307 10.37 -2.71 25.37
CA VAL B 307 9.07 -2.92 25.96
C VAL B 307 8.64 -4.38 25.82
N MET B 308 8.90 -4.95 24.64
CA MET B 308 8.46 -6.31 24.36
C MET B 308 9.12 -7.33 25.30
N ARG B 309 10.35 -7.04 25.75
CA ARG B 309 11.06 -7.99 26.61
C ARG B 309 10.51 -8.00 28.04
N GLU B 310 9.94 -6.88 28.48
CA GLU B 310 9.49 -6.75 29.86
C GLU B 310 8.01 -7.03 30.04
N ASN B 311 7.24 -7.12 28.96
CA ASN B 311 5.78 -7.28 29.04
C ASN B 311 5.36 -8.49 28.20
N LYS B 312 5.65 -9.68 28.71
CA LYS B 312 5.27 -10.90 28.03
C LYS B 312 3.84 -11.29 28.41
N ASN B 313 3.27 -12.18 27.61
CA ASN B 313 1.90 -12.64 27.84
C ASN B 313 1.70 -13.96 27.10
N PRO B 314 0.92 -14.88 27.65
CA PRO B 314 0.78 -16.20 27.00
C PRO B 314 0.17 -16.13 25.61
N ASN B 315 -0.58 -15.08 25.27
CA ASN B 315 -1.25 -14.97 23.98
C ASN B 315 -0.55 -13.99 23.04
N ILE B 316 0.72 -13.70 23.30
CA ILE B 316 1.56 -12.91 22.40
C ILE B 316 2.79 -13.74 22.08
N VAL B 317 3.20 -13.77 20.82
CA VAL B 317 4.41 -14.50 20.43
C VAL B 317 5.57 -14.05 21.32
N ASN B 318 6.19 -15.00 22.01
CA ASN B 318 7.15 -14.70 23.08
C ASN B 318 8.48 -14.24 22.51
N TYR B 319 8.96 -13.11 23.01
CA TYR B 319 10.32 -12.64 22.76
C TYR B 319 11.29 -13.42 23.63
N LEU B 320 12.38 -13.90 23.03
CA LEU B 320 13.37 -14.67 23.76
C LEU B 320 14.62 -13.85 24.09
N ASP B 321 15.32 -13.36 23.07
CA ASP B 321 16.63 -12.75 23.31
C ASP B 321 16.98 -11.90 22.11
N SER B 322 17.97 -11.03 22.28
CA SER B 322 18.54 -10.32 21.15
C SER B 322 20.05 -10.37 21.24
N TYR B 323 20.71 -10.18 20.09
CA TYR B 323 22.15 -10.26 19.97
C TYR B 323 22.60 -9.22 18.95
N LEU B 324 23.74 -8.59 19.19
CA LEU B 324 24.38 -7.79 18.16
C LEU B 324 25.40 -8.67 17.47
N VAL B 325 25.20 -8.90 16.17
CA VAL B 325 26.08 -9.74 15.36
C VAL B 325 26.67 -8.88 14.25
N GLY B 326 27.75 -8.16 14.56
CA GLY B 326 28.47 -7.36 13.58
C GLY B 326 27.75 -6.27 12.79
N ASP B 327 27.18 -5.31 13.52
CA ASP B 327 26.40 -4.21 12.94
C ASP B 327 24.98 -4.66 12.59
N GLU B 328 24.71 -5.97 12.67
CA GLU B 328 23.36 -6.48 12.58
C GLU B 328 22.81 -6.74 13.97
N LEU B 329 21.52 -6.50 14.12
CA LEU B 329 20.79 -6.85 15.33
C LEU B 329 19.93 -8.06 15.02
N TRP B 330 20.09 -9.14 15.79
CA TRP B 330 19.26 -10.33 15.66
C TRP B 330 18.25 -10.36 16.79
N VAL B 331 16.97 -10.45 16.44
CA VAL B 331 15.90 -10.60 17.42
C VAL B 331 15.41 -12.04 17.31
N VAL B 332 15.41 -12.76 18.44
CA VAL B 332 15.02 -14.18 18.47
C VAL B 332 13.69 -14.29 19.17
N MET B 333 12.70 -14.86 18.47
CA MET B 333 11.35 -15.08 18.97
C MET B 333 11.10 -16.58 19.03
N GLU B 334 10.13 -17.00 19.86
CA GLU B 334 9.70 -18.39 19.76
C GLU B 334 9.00 -18.63 18.43
N TYR B 335 9.11 -19.85 17.93
CA TYR B 335 8.53 -20.20 16.64
C TYR B 335 7.27 -21.02 16.84
N LEU B 336 6.16 -20.59 16.24
CA LEU B 336 4.89 -21.32 16.28
C LEU B 336 4.76 -22.05 14.95
N ALA B 337 4.81 -23.39 14.99
CA ALA B 337 4.92 -24.20 13.78
C ALA B 337 3.58 -24.56 13.17
N GLY B 338 2.48 -24.08 13.74
CA GLY B 338 1.18 -24.41 13.23
C GLY B 338 0.67 -23.49 12.16
N GLY B 339 1.49 -22.59 11.65
CA GLY B 339 1.07 -21.67 10.62
C GLY B 339 0.19 -20.55 11.15
N SER B 340 -0.45 -19.85 10.22
CA SER B 340 -1.30 -18.71 10.53
C SER B 340 -2.77 -19.09 10.54
N LEU B 341 -3.56 -18.23 11.18
CA LEU B 341 -5.01 -18.44 11.12
C LEU B 341 -5.55 -18.33 9.70
N THR B 342 -4.93 -17.47 8.86
CA THR B 342 -5.39 -17.36 7.47
C THR B 342 -5.45 -18.73 6.78
N ASP B 343 -4.40 -19.54 6.96
CA ASP B 343 -4.36 -20.86 6.31
C ASP B 343 -5.50 -21.76 6.79
N VAL B 344 -5.81 -21.72 8.06
CA VAL B 344 -6.93 -22.51 8.59
C VAL B 344 -8.25 -22.01 8.00
N VAL B 345 -8.45 -20.68 8.02
CA VAL B 345 -9.69 -20.09 7.51
C VAL B 345 -9.91 -20.47 6.05
N THR B 346 -8.86 -20.49 5.23
CA THR B 346 -9.05 -20.71 3.80
C THR B 346 -9.14 -22.20 3.45
N GLU B 347 -8.63 -23.08 4.29
CA GLU B 347 -8.54 -24.48 3.94
C GLU B 347 -9.49 -25.37 4.77
N THR B 348 -10.24 -24.82 5.70
CA THR B 348 -11.17 -25.59 6.53
C THR B 348 -12.43 -24.77 6.70
N CYS B 349 -13.54 -25.38 7.16
CA CYS B 349 -14.63 -24.54 7.68
C CYS B 349 -14.70 -24.69 9.20
N MET B 350 -14.38 -23.61 9.89
CA MET B 350 -14.33 -23.66 11.35
C MET B 350 -15.75 -23.73 11.87
N ASP B 351 -15.96 -24.45 12.96
CA ASP B 351 -17.28 -24.39 13.59
C ASP B 351 -17.30 -23.28 14.65
N GLU B 352 -18.50 -22.97 15.19
CA GLU B 352 -18.57 -21.82 16.11
C GLU B 352 -17.81 -22.07 17.40
N GLY B 353 -17.69 -23.32 17.87
CA GLY B 353 -16.88 -23.58 19.04
C GLY B 353 -15.40 -23.29 18.81
N GLN B 354 -14.89 -23.60 17.62
CA GLN B 354 -13.50 -23.29 17.30
C GLN B 354 -13.29 -21.79 17.17
N ILE B 355 -14.24 -21.10 16.53
CA ILE B 355 -14.16 -19.65 16.39
C ILE B 355 -14.18 -19.01 17.76
N ALA B 356 -15.05 -19.50 18.64
CA ALA B 356 -15.15 -18.92 19.97
C ALA B 356 -13.85 -19.07 20.73
N ALA B 357 -13.18 -20.21 20.58
CA ALA B 357 -11.92 -20.44 21.26
C ALA B 357 -10.85 -19.47 20.74
N VAL B 358 -10.76 -19.29 19.42
CA VAL B 358 -9.81 -18.31 18.87
C VAL B 358 -10.12 -16.91 19.38
N CYS B 359 -11.40 -16.52 19.32
CA CYS B 359 -11.78 -15.18 19.79
C CYS B 359 -11.39 -14.93 21.24
N ARG B 360 -11.63 -15.92 22.12
CA ARG B 360 -11.27 -15.76 23.53
C ARG B 360 -9.77 -15.58 23.69
N GLU B 361 -8.97 -16.42 23.04
CA GLU B 361 -7.51 -16.26 23.14
C GLU B 361 -7.05 -14.89 22.65
N CYS B 362 -7.62 -14.41 21.55
CA CYS B 362 -7.25 -13.07 21.07
C CYS B 362 -7.68 -11.99 22.04
N LEU B 363 -8.87 -12.14 22.62
CA LEU B 363 -9.35 -11.13 23.55
C LEU B 363 -8.51 -11.08 24.82
N GLN B 364 -7.98 -12.22 25.26
CA GLN B 364 -7.04 -12.23 26.37
C GLN B 364 -5.81 -11.39 26.03
N ALA B 365 -5.25 -11.58 24.83
CA ALA B 365 -4.12 -10.78 24.39
C ALA B 365 -4.45 -9.29 24.38
N LEU B 366 -5.63 -8.94 23.86
CA LEU B 366 -6.01 -7.54 23.72
C LEU B 366 -6.24 -6.90 25.07
N GLU B 367 -6.88 -7.61 26.00
CA GLU B 367 -7.04 -7.05 27.35
C GLU B 367 -5.71 -6.66 27.94
N PHE B 368 -4.72 -7.56 27.82
CA PHE B 368 -3.37 -7.29 28.26
C PHE B 368 -2.78 -6.06 27.55
N LEU B 369 -2.80 -6.04 26.22
CA LEU B 369 -2.24 -4.90 25.49
C LEU B 369 -2.92 -3.60 25.87
N HIS B 370 -4.26 -3.59 25.89
CA HIS B 370 -4.97 -2.36 26.20
C HIS B 370 -4.72 -1.90 27.63
N SER B 371 -4.54 -2.83 28.57
CA SER B 371 -4.24 -2.41 29.94
C SER B 371 -2.91 -1.68 30.03
N ASN B 372 -1.99 -1.96 29.11
CA ASN B 372 -0.73 -1.25 29.03
C ASN B 372 -0.76 -0.16 27.98
N GLN B 373 -1.95 0.25 27.53
CA GLN B 373 -2.13 1.38 26.60
C GLN B 373 -1.48 1.14 25.25
N VAL B 374 -1.50 -0.11 24.79
CA VAL B 374 -0.94 -0.50 23.50
C VAL B 374 -2.11 -0.78 22.58
N ILE B 375 -2.08 -0.22 21.37
CA ILE B 375 -3.07 -0.52 20.35
C ILE B 375 -2.40 -1.35 19.27
N HIS B 376 -2.96 -2.53 18.97
CA HIS B 376 -2.30 -3.40 18.02
C HIS B 376 -2.40 -2.83 16.61
N ARG B 377 -3.61 -2.50 16.17
CA ARG B 377 -3.99 -1.86 14.92
C ARG B 377 -4.02 -2.80 13.72
N ASN B 378 -3.51 -4.03 13.83
CA ASN B 378 -3.55 -4.96 12.70
C ASN B 378 -4.01 -6.33 13.16
N ILE B 379 -5.11 -6.36 13.93
CA ILE B 379 -5.72 -7.65 14.29
C ILE B 379 -6.36 -8.23 13.03
N LYS B 380 -5.69 -9.19 12.41
CA LYS B 380 -6.24 -9.85 11.26
C LYS B 380 -5.59 -11.22 11.17
N SER B 381 -6.19 -12.09 10.36
CA SER B 381 -5.85 -13.52 10.46
C SER B 381 -4.39 -13.79 10.13
N ASP B 382 -3.74 -13.00 9.28
CA ASP B 382 -2.35 -13.39 9.03
C ASP B 382 -1.41 -12.98 10.15
N ASN B 383 -1.90 -12.26 11.15
CA ASN B 383 -1.15 -11.89 12.33
C ASN B 383 -1.49 -12.76 13.54
N ILE B 384 -2.31 -13.78 13.36
CA ILE B 384 -2.60 -14.75 14.41
C ILE B 384 -1.78 -16.00 14.08
N LEU B 385 -0.86 -16.38 14.96
CA LEU B 385 -0.08 -17.59 14.75
C LEU B 385 -0.54 -18.73 15.66
N LEU B 386 -0.44 -19.97 15.16
CA LEU B 386 -0.99 -21.14 15.84
C LEU B 386 0.13 -22.10 16.24
N GLY B 387 0.10 -22.58 17.48
CA GLY B 387 1.01 -23.62 17.92
C GLY B 387 0.49 -25.04 17.63
N MET B 388 1.41 -26.01 17.66
CA MET B 388 0.99 -27.39 17.33
C MET B 388 0.13 -27.99 18.41
N ASP B 389 0.09 -27.37 19.58
CA ASP B 389 -0.84 -27.75 20.64
C ASP B 389 -2.13 -26.96 20.61
N GLY B 390 -2.32 -26.15 19.56
CA GLY B 390 -3.51 -25.32 19.43
C GLY B 390 -3.39 -23.99 20.13
N SER B 391 -2.22 -23.64 20.63
CA SER B 391 -2.09 -22.33 21.21
C SER B 391 -2.35 -21.25 20.15
N VAL B 392 -2.81 -20.07 20.61
CA VAL B 392 -3.20 -18.96 19.73
C VAL B 392 -2.47 -17.71 20.21
N LYS B 393 -1.65 -17.11 19.36
CA LYS B 393 -0.85 -15.93 19.78
C LYS B 393 -0.84 -14.82 18.73
N LEU B 394 -0.83 -13.58 19.18
CA LEU B 394 -0.74 -12.41 18.26
C LEU B 394 0.69 -12.11 17.86
N THR B 395 0.89 -11.57 16.66
CA THR B 395 2.21 -11.07 16.23
C THR B 395 2.04 -9.77 15.46
N ASP B 396 3.15 -9.18 14.98
CA ASP B 396 3.13 -8.00 14.07
C ASP B 396 2.48 -6.74 14.66
N PHE B 397 2.83 -6.36 15.89
CA PHE B 397 2.27 -5.07 16.41
C PHE B 397 3.38 -4.03 16.36
N GLY B 398 4.13 -4.01 15.26
CA GLY B 398 5.21 -3.01 15.08
C GLY B 398 5.05 -2.37 13.71
N GLU B 406 0.69 5.63 8.29
CA GLU B 406 2.04 6.03 7.93
C GLU B 406 2.15 6.35 6.44
N GLN B 407 1.04 6.19 5.72
CA GLN B 407 1.00 6.39 4.28
C GLN B 407 0.34 7.71 3.92
N SER B 408 0.87 8.35 2.89
CA SER B 408 0.49 9.72 2.56
C SER B 408 -0.90 9.80 1.95
N LYS B 409 -1.58 10.91 2.24
CA LYS B 409 -2.78 11.27 1.49
C LYS B 409 -2.54 11.28 -0.02
N ARG B 410 -1.32 11.57 -0.44
CA ARG B 410 -1.00 11.70 -1.85
C ARG B 410 -0.81 10.34 -2.53
N SER B 411 -0.72 9.27 -1.75
CA SER B 411 -0.43 7.95 -2.29
C SER B 411 -1.73 7.21 -2.62
N GLU B 412 -1.69 6.45 -3.70
CA GLU B 412 -2.82 5.57 -3.98
C GLU B 412 -2.83 4.39 -3.01
N MET B 413 -4.02 3.83 -2.83
CA MET B 413 -4.21 2.66 -1.98
C MET B 413 -4.20 1.43 -2.87
N VAL B 414 -3.28 0.50 -2.58
CA VAL B 414 -3.17 -0.72 -3.35
C VAL B 414 -3.91 -1.88 -2.71
N GLY B 415 -3.81 -2.03 -1.38
CA GLY B 415 -4.52 -3.08 -0.70
C GLY B 415 -5.76 -2.54 -0.02
N THR B 416 -6.67 -3.46 0.33
CA THR B 416 -7.88 -3.07 1.02
C THR B 416 -7.70 -3.26 2.51
N PRO B 417 -7.82 -2.20 3.31
CA PRO B 417 -7.65 -2.26 4.78
C PRO B 417 -8.93 -2.74 5.45
N TYR B 418 -9.35 -3.96 5.10
CA TYR B 418 -10.68 -4.44 5.45
C TYR B 418 -10.90 -4.60 6.95
N TRP B 419 -9.83 -4.66 7.75
CA TRP B 419 -9.95 -4.85 9.18
C TRP B 419 -10.15 -3.55 9.96
N MET B 420 -10.01 -2.39 9.29
CA MET B 420 -10.00 -1.11 10.00
C MET B 420 -11.38 -0.61 10.39
N ALA B 421 -11.47 -0.09 11.62
CA ALA B 421 -12.70 0.51 12.15
C ALA B 421 -13.10 1.80 11.43
N PRO B 422 -14.39 2.15 11.46
CA PRO B 422 -14.82 3.37 10.76
C PRO B 422 -14.07 4.61 11.22
N GLU B 423 -13.79 4.70 12.52
CA GLU B 423 -13.12 5.89 13.03
C GLU B 423 -11.65 5.94 12.61
N VAL B 424 -11.06 4.79 12.25
CA VAL B 424 -9.71 4.80 11.69
C VAL B 424 -9.76 5.32 10.26
N VAL B 425 -10.74 4.82 9.50
CA VAL B 425 -10.81 5.06 8.07
C VAL B 425 -11.11 6.52 7.80
N THR B 426 -11.92 7.13 8.66
CA THR B 426 -12.20 8.57 8.58
C THR B 426 -11.10 9.39 9.23
N ARG B 427 -9.92 8.78 9.45
CA ARG B 427 -8.68 9.45 9.88
C ARG B 427 -8.89 10.29 11.14
N LYS B 428 -9.76 9.83 12.03
CA LYS B 428 -9.88 10.45 13.33
C LYS B 428 -8.81 9.94 14.27
N ALA B 429 -8.67 10.61 15.41
CA ALA B 429 -7.98 9.98 16.53
C ALA B 429 -8.81 8.79 17.03
N TYR B 430 -8.14 7.81 17.61
CA TYR B 430 -8.85 6.57 17.95
C TYR B 430 -8.15 5.89 19.10
N GLY B 431 -8.78 4.84 19.62
CA GLY B 431 -8.25 4.16 20.78
C GLY B 431 -8.28 2.65 20.68
N PRO B 432 -8.17 1.99 21.83
CA PRO B 432 -8.05 0.52 21.84
C PRO B 432 -9.21 -0.19 21.19
N LYS B 433 -10.37 0.44 21.07
CA LYS B 433 -11.50 -0.35 20.59
C LYS B 433 -11.47 -0.56 19.08
N VAL B 434 -10.55 0.09 18.37
CA VAL B 434 -10.34 -0.29 16.98
C VAL B 434 -9.94 -1.76 16.87
N ASP B 435 -9.25 -2.30 17.89
CA ASP B 435 -8.82 -3.70 17.85
C ASP B 435 -10.01 -4.64 18.02
N ILE B 436 -10.99 -4.20 18.80
CA ILE B 436 -12.22 -4.97 18.98
C ILE B 436 -12.99 -5.06 17.68
N TRP B 437 -13.14 -3.92 16.99
CA TRP B 437 -13.69 -3.92 15.64
C TRP B 437 -12.96 -4.93 14.75
N SER B 438 -11.64 -4.81 14.67
CA SER B 438 -10.87 -5.72 13.82
C SER B 438 -11.13 -7.18 14.20
N LEU B 439 -11.30 -7.45 15.49
CA LEU B 439 -11.58 -8.82 15.92
C LEU B 439 -12.92 -9.29 15.39
N GLY B 440 -13.92 -8.42 15.43
CA GLY B 440 -15.23 -8.73 14.84
C GLY B 440 -15.11 -9.07 13.37
N ILE B 441 -14.34 -8.27 12.62
CA ILE B 441 -14.11 -8.57 11.20
C ILE B 441 -13.44 -9.93 11.03
N MET B 442 -12.45 -10.23 11.88
CA MET B 442 -11.77 -11.51 11.77
C MET B 442 -12.69 -12.69 12.10
N ALA B 443 -13.63 -12.49 13.02
CA ALA B 443 -14.59 -13.57 13.30
C ALA B 443 -15.52 -13.80 12.11
N ILE B 444 -15.91 -12.72 11.42
CA ILE B 444 -16.65 -12.88 10.16
C ILE B 444 -15.81 -13.62 9.13
N GLU B 445 -14.53 -13.24 9.02
CA GLU B 445 -13.62 -13.96 8.13
C GLU B 445 -13.58 -15.45 8.45
N MET B 446 -13.48 -15.79 9.74
CA MET B 446 -13.44 -17.21 10.13
C MET B 446 -14.69 -17.97 9.70
N ILE B 447 -15.87 -17.36 9.85
CA ILE B 447 -17.10 -18.11 9.54
C ILE B 447 -17.41 -18.08 8.04
N GLU B 448 -17.00 -17.03 7.31
CA GLU B 448 -17.23 -16.98 5.86
C GLU B 448 -16.10 -17.56 5.03
N GLY B 449 -14.91 -17.77 5.62
CA GLY B 449 -13.80 -18.35 4.91
C GLY B 449 -12.97 -17.39 4.09
N GLU B 450 -13.27 -16.10 4.11
CA GLU B 450 -12.48 -15.14 3.35
C GLU B 450 -12.72 -13.77 3.96
N PRO B 451 -11.82 -12.82 3.73
CA PRO B 451 -12.00 -11.49 4.28
C PRO B 451 -13.16 -10.79 3.59
N PRO B 452 -13.88 -9.93 4.30
CA PRO B 452 -14.92 -9.13 3.62
C PRO B 452 -14.32 -8.17 2.62
N TYR B 453 -15.17 -7.66 1.73
CA TYR B 453 -14.80 -6.69 0.68
C TYR B 453 -13.85 -7.28 -0.35
N LEU B 454 -13.77 -8.60 -0.47
CA LEU B 454 -12.77 -9.21 -1.34
C LEU B 454 -12.95 -8.76 -2.79
N ASN B 455 -14.18 -8.52 -3.22
CA ASN B 455 -14.48 -8.19 -4.60
C ASN B 455 -14.64 -6.69 -4.81
N GLU B 456 -14.14 -5.87 -3.87
CA GLU B 456 -14.29 -4.42 -3.89
C GLU B 456 -12.94 -3.76 -4.14
N ASN B 457 -12.95 -2.65 -4.88
CA ASN B 457 -11.76 -1.80 -4.93
C ASN B 457 -11.54 -1.11 -3.58
N PRO B 458 -10.28 -0.86 -3.22
CA PRO B 458 -10.01 -0.32 -1.86
C PRO B 458 -10.77 0.96 -1.53
N LEU B 459 -10.92 1.88 -2.50
CA LEU B 459 -11.61 3.12 -2.18
C LEU B 459 -13.08 2.90 -1.93
N ARG B 460 -13.69 1.94 -2.66
CA ARG B 460 -15.09 1.58 -2.40
C ARG B 460 -15.23 0.94 -1.03
N ALA B 461 -14.33 0.01 -0.69
CA ALA B 461 -14.35 -0.60 0.63
C ALA B 461 -14.16 0.44 1.72
N LEU B 462 -13.23 1.38 1.52
CA LEU B 462 -13.06 2.45 2.50
C LEU B 462 -14.36 3.19 2.75
N TYR B 463 -15.09 3.52 1.69
CA TYR B 463 -16.36 4.22 1.84
C TYR B 463 -17.39 3.34 2.57
N LEU B 464 -17.48 2.06 2.20
CA LEU B 464 -18.44 1.18 2.83
C LEU B 464 -18.17 1.04 4.32
N ILE B 465 -16.90 0.98 4.71
CA ILE B 465 -16.55 0.85 6.12
C ILE B 465 -16.99 2.10 6.88
N ALA B 466 -16.77 3.27 6.31
CA ALA B 466 -17.08 4.49 7.02
C ALA B 466 -18.59 4.67 7.22
N THR B 467 -19.39 4.18 6.27
CA THR B 467 -20.82 4.49 6.20
C THR B 467 -21.68 3.33 6.69
N ASN B 468 -21.43 2.13 6.19
CA ASN B 468 -22.17 0.96 6.64
C ASN B 468 -21.68 0.50 8.00
N GLY B 469 -20.38 0.60 8.22
CA GLY B 469 -19.75 -0.01 9.37
C GLY B 469 -19.42 -1.44 9.04
N THR B 470 -20.15 -2.37 9.65
CA THR B 470 -19.92 -3.79 9.41
C THR B 470 -20.13 -4.11 7.92
N PRO B 471 -19.37 -5.04 7.37
CA PRO B 471 -19.74 -5.58 6.06
C PRO B 471 -21.00 -6.42 6.21
N GLU B 472 -21.77 -6.49 5.14
CA GLU B 472 -22.94 -7.35 5.17
C GLU B 472 -22.47 -8.80 5.22
N LEU B 473 -22.79 -9.49 6.31
CA LEU B 473 -22.65 -10.95 6.33
C LEU B 473 -23.30 -11.53 5.09
N GLN B 474 -22.57 -12.42 4.40
CA GLN B 474 -23.12 -13.03 3.20
C GLN B 474 -24.33 -13.90 3.53
N ASN B 475 -24.24 -14.68 4.59
CA ASN B 475 -25.29 -15.63 4.97
C ASN B 475 -25.57 -15.50 6.46
N PRO B 476 -26.25 -14.44 6.88
CA PRO B 476 -26.46 -14.23 8.32
C PRO B 476 -27.38 -15.25 8.96
N GLU B 477 -28.27 -15.83 8.17
CA GLU B 477 -29.18 -16.85 8.67
C GLU B 477 -28.41 -18.06 9.19
N LYS B 478 -27.16 -18.25 8.75
CA LYS B 478 -26.30 -19.39 9.08
C LYS B 478 -25.57 -19.24 10.41
N LEU B 479 -25.69 -18.12 11.10
CA LEU B 479 -24.97 -17.90 12.35
C LEU B 479 -25.94 -18.08 13.52
N SER B 480 -25.44 -18.59 14.65
CA SER B 480 -26.32 -18.73 15.81
C SER B 480 -26.67 -17.35 16.37
N ALA B 481 -27.74 -17.28 17.19
CA ALA B 481 -28.09 -16.00 17.80
C ALA B 481 -26.97 -15.46 18.67
N ILE B 482 -26.29 -16.33 19.42
CA ILE B 482 -25.29 -15.80 20.37
C ILE B 482 -24.04 -15.34 19.63
N PHE B 483 -23.67 -16.01 18.54
CA PHE B 483 -22.54 -15.55 17.72
C PHE B 483 -22.88 -14.22 17.05
N ARG B 484 -24.09 -14.11 16.48
CA ARG B 484 -24.50 -12.84 15.89
C ARG B 484 -24.49 -11.72 16.92
N ASP B 485 -24.89 -12.03 18.15
CA ASP B 485 -24.87 -11.00 19.18
C ASP B 485 -23.43 -10.56 19.48
N PHE B 486 -22.53 -11.53 19.60
CA PHE B 486 -21.12 -11.20 19.79
C PHE B 486 -20.60 -10.29 18.69
N LEU B 487 -20.93 -10.59 17.43
CA LEU B 487 -20.47 -9.75 16.33
C LEU B 487 -21.03 -8.34 16.47
N ASN B 488 -22.29 -8.22 16.88
CA ASN B 488 -22.90 -6.92 17.05
C ASN B 488 -22.18 -6.10 18.11
N ARG B 489 -21.70 -6.77 19.16
CA ARG B 489 -21.00 -6.04 20.23
C ARG B 489 -19.61 -5.58 19.79
N CYS B 490 -18.93 -6.35 18.92
CA CYS B 490 -17.62 -5.96 18.39
C CYS B 490 -17.73 -4.89 17.31
N LEU B 491 -18.82 -4.88 16.55
CA LEU B 491 -18.94 -4.07 15.36
C LEU B 491 -19.94 -2.93 15.55
N GLU B 492 -20.03 -2.42 16.76
CA GLU B 492 -20.86 -1.27 17.03
C GLU B 492 -20.15 -0.03 16.49
N MET B 493 -20.87 0.78 15.71
CA MET B 493 -20.26 2.00 15.17
C MET B 493 -19.95 3.01 16.27
N ASP B 494 -20.82 3.12 17.27
CA ASP B 494 -20.59 4.05 18.36
C ASP B 494 -19.47 3.51 19.22
N VAL B 495 -18.34 4.23 19.29
CA VAL B 495 -17.18 3.69 20.00
C VAL B 495 -17.52 3.42 21.46
N GLU B 496 -18.28 4.32 22.10
CA GLU B 496 -18.62 4.11 23.51
C GLU B 496 -19.43 2.84 23.72
N LYS B 497 -20.31 2.51 22.77
CA LYS B 497 -21.17 1.34 22.94
C LYS B 497 -20.42 0.04 22.62
N ARG B 498 -19.43 0.10 21.74
CA ARG B 498 -18.66 -1.09 21.37
C ARG B 498 -18.01 -1.67 22.61
N GLY B 499 -18.00 -3.01 22.72
CA GLY B 499 -17.42 -3.62 23.89
C GLY B 499 -15.93 -3.36 24.02
N SER B 500 -15.46 -3.33 25.26
CA SER B 500 -14.03 -3.40 25.53
C SER B 500 -13.60 -4.86 25.53
N ALA B 501 -12.29 -5.08 25.58
CA ALA B 501 -11.81 -6.47 25.62
C ALA B 501 -12.23 -7.13 26.93
N LYS B 502 -12.04 -6.42 28.05
CA LYS B 502 -12.49 -6.93 29.34
C LYS B 502 -13.97 -7.29 29.33
N GLU B 503 -14.81 -6.41 28.78
CA GLU B 503 -16.24 -6.70 28.72
C GLU B 503 -16.51 -7.94 27.88
N LEU B 504 -15.92 -7.99 26.69
CA LEU B 504 -16.21 -9.11 25.78
C LEU B 504 -15.66 -10.44 26.28
N LEU B 505 -14.64 -10.44 27.13
CA LEU B 505 -14.21 -11.70 27.72
C LEU B 505 -15.30 -12.36 28.54
N GLN B 506 -16.33 -11.62 28.94
CA GLN B 506 -17.47 -12.18 29.66
C GLN B 506 -18.63 -12.59 28.75
N HIS B 507 -18.52 -12.39 27.44
CA HIS B 507 -19.67 -12.63 26.56
C HIS B 507 -20.01 -14.13 26.51
N GLN B 508 -21.31 -14.44 26.45
CA GLN B 508 -21.70 -15.86 26.45
C GLN B 508 -21.17 -16.62 25.23
N PHE B 509 -20.97 -15.96 24.10
CA PHE B 509 -20.48 -16.68 22.91
C PHE B 509 -19.16 -17.38 23.22
N LEU B 510 -18.31 -16.77 24.06
CA LEU B 510 -17.03 -17.40 24.37
C LEU B 510 -17.23 -18.70 25.17
N LYS B 511 -18.38 -18.88 25.85
CA LYS B 511 -18.53 -20.08 26.66
C LYS B 511 -18.87 -21.32 25.86
N ILE B 512 -19.11 -21.21 24.55
CA ILE B 512 -19.20 -22.43 23.75
C ILE B 512 -17.84 -22.85 23.19
N ALA B 513 -16.76 -22.15 23.56
CA ALA B 513 -15.43 -22.49 23.06
C ALA B 513 -15.09 -23.95 23.34
N LYS B 514 -14.61 -24.61 22.31
CA LYS B 514 -14.00 -25.93 22.45
C LYS B 514 -12.59 -25.80 23.02
N PRO B 515 -12.06 -26.86 23.62
CA PRO B 515 -10.66 -26.83 24.05
C PRO B 515 -9.75 -26.51 22.87
N LEU B 516 -8.59 -25.95 23.18
CA LEU B 516 -7.70 -25.55 22.10
C LEU B 516 -7.18 -26.73 21.34
N SER B 517 -7.23 -27.94 21.91
CA SER B 517 -6.83 -29.10 21.14
C SER B 517 -7.73 -29.29 19.91
N SER B 518 -8.95 -28.75 19.96
CA SER B 518 -9.86 -28.81 18.81
C SER B 518 -9.34 -28.08 17.58
N LEU B 519 -8.36 -27.18 17.74
CA LEU B 519 -7.78 -26.51 16.58
C LEU B 519 -6.71 -27.34 15.88
N THR B 520 -6.15 -28.36 16.55
CA THR B 520 -5.03 -29.02 15.88
C THR B 520 -5.45 -29.84 14.67
N PRO B 521 -6.66 -30.43 14.60
CA PRO B 521 -7.07 -31.03 13.33
C PRO B 521 -7.20 -29.98 12.21
N LEU B 522 -7.55 -28.73 12.56
CA LEU B 522 -7.60 -27.68 11.55
C LEU B 522 -6.20 -27.40 11.00
N ILE B 523 -5.21 -27.37 11.90
CA ILE B 523 -3.83 -27.16 11.47
C ILE B 523 -3.41 -28.28 10.53
N ALA B 524 -3.78 -29.53 10.85
CA ALA B 524 -3.39 -30.64 10.03
C ALA B 524 -3.99 -30.53 8.63
N ALA B 525 -5.28 -30.16 8.55
CA ALA B 525 -5.92 -29.97 7.25
C ALA B 525 -5.23 -28.86 6.46
N ALA B 526 -4.94 -27.73 7.10
CA ALA B 526 -4.33 -26.62 6.37
C ALA B 526 -2.97 -27.01 5.81
N LYS B 527 -2.18 -27.73 6.59
CA LYS B 527 -0.88 -28.19 6.10
C LYS B 527 -1.01 -29.18 4.96
N GLU B 528 -1.93 -30.15 5.09
CA GLU B 528 -2.17 -31.06 3.97
C GLU B 528 -2.60 -30.28 2.71
N ALA B 529 -3.44 -29.27 2.87
CA ALA B 529 -4.01 -28.59 1.71
C ALA B 529 -2.99 -27.71 1.02
N THR B 530 -2.04 -27.15 1.77
CA THR B 530 -1.15 -26.13 1.21
C THR B 530 0.13 -26.71 0.61
N LYS B 531 0.55 -27.87 1.09
CA LYS B 531 1.80 -28.46 0.63
C LYS B 531 1.83 -28.66 -0.90
#